data_6XUJ
#
_entry.id   6XUJ
#
_cell.length_a   69.453
_cell.length_b   73.211
_cell.length_c   40.793
_cell.angle_alpha   90.000
_cell.angle_beta   90.000
_cell.angle_gamma   90.000
#
_symmetry.space_group_name_H-M   'P 21 21 2'
#
loop_
_entity.id
_entity.type
_entity.pdbx_description
1 polymer 'DNA repair and recombination protein RadA'
2 non-polymer 'PHOSPHATE ION'
3 non-polymer 5-Ethyl-N-(1H-indol-5-ylmethyl)-1,3,4-thiadiazol-2-amine
4 water water
#
_entity_poly.entity_id   1
_entity_poly.type   'polypeptide(L)'
_entity_poly.pdbx_seq_one_letter_code
;MATIGRISTGSKSLDKLLGGGIETQAITEVFGEFGSGKTQLAHTLAVMVQLPPEEGGLNGSVMWIDTENTFRPERIREIA
QNRGLDPDEVLKHIAYARAFNSNHQMLLVQQAEDMIKELLNTDRPVKLLIVDSLTSHFRSEYIGRGALAERQQKLAKHLA
DLHRLANLYDIAVFVTNQVQANGGHILAHSATLRVYLRKGKGGKRIARLIDAPHLPEGEAVFSITEKGIED
;
_entity_poly.pdbx_strand_id   A
#
loop_
_chem_comp.id
_chem_comp.type
_chem_comp.name
_chem_comp.formula
O1E non-polymer 5-Ethyl-N-(1H-indol-5-ylmethyl)-1,3,4-thiadiazol-2-amine 'C13 H14 N4 S'
PO4 non-polymer 'PHOSPHATE ION' 'O4 P -3'
#
# COMPACT_ATOMS: atom_id res chain seq x y z
N ALA A 2 13.02 -14.24 9.70
CA ALA A 2 13.49 -13.68 8.44
C ALA A 2 14.12 -12.31 8.65
N THR A 3 15.14 -11.98 7.85
CA THR A 3 15.64 -10.62 7.86
C THR A 3 14.57 -9.67 7.32
N ILE A 4 14.75 -8.38 7.60
CA ILE A 4 13.84 -7.37 7.08
C ILE A 4 14.23 -7.05 5.64
N GLY A 5 13.29 -7.24 4.70
CA GLY A 5 13.52 -6.83 3.32
C GLY A 5 13.00 -5.43 3.07
N ARG A 6 13.56 -4.76 2.06
CA ARG A 6 13.11 -3.42 1.70
C ARG A 6 12.77 -3.35 0.21
N ILE A 7 11.65 -2.69 -0.10
CA ILE A 7 11.20 -2.49 -1.47
C ILE A 7 11.39 -1.02 -1.82
N SER A 8 12.20 -0.77 -2.84
CA SER A 8 12.38 0.60 -3.31
C SER A 8 11.06 1.17 -3.82
N THR A 9 10.83 2.46 -3.55
CA THR A 9 9.63 3.14 -4.03
C THR A 9 9.74 3.64 -5.46
N GLY A 10 10.92 3.58 -6.07
CA GLY A 10 11.16 4.25 -7.33
C GLY A 10 11.79 5.63 -7.19
N SER A 11 11.68 6.25 -6.02
CA SER A 11 12.24 7.57 -5.73
C SER A 11 13.40 7.41 -4.76
N LYS A 12 14.60 7.84 -5.18
CA LYS A 12 15.74 7.78 -4.26
C LYS A 12 15.51 8.69 -3.07
N SER A 13 14.83 9.82 -3.28
CA SER A 13 14.50 10.74 -2.20
C SER A 13 13.63 10.05 -1.14
N LEU A 14 12.53 9.45 -1.58
CA LEU A 14 11.65 8.77 -0.64
C LEU A 14 12.35 7.54 -0.03
N ASP A 15 13.14 6.82 -0.83
CA ASP A 15 13.87 5.68 -0.27
C ASP A 15 14.78 6.13 0.88
N LYS A 16 15.49 7.24 0.70
CA LYS A 16 16.37 7.71 1.78
C LYS A 16 15.58 8.05 3.04
N LEU A 17 14.46 8.76 2.88
CA LEU A 17 13.60 9.05 4.03
C LEU A 17 13.17 7.77 4.75
N LEU A 18 12.92 6.70 3.98
CA LEU A 18 12.42 5.45 4.54
C LEU A 18 13.53 4.53 5.03
N GLY A 19 14.79 4.92 4.89
CA GLY A 19 15.88 4.02 5.24
C GLY A 19 16.18 2.94 4.23
N GLY A 20 15.74 3.11 2.98
CA GLY A 20 16.00 2.13 1.94
C GLY A 20 14.79 1.73 1.12
N GLY A 21 13.60 1.96 1.65
CA GLY A 21 12.38 1.47 1.02
C GLY A 21 11.37 1.07 2.09
N ILE A 22 10.20 0.61 1.63
CA ILE A 22 9.23 0.09 2.60
C ILE A 22 9.67 -1.30 3.05
N GLU A 23 9.36 -1.63 4.30
CA GLU A 23 9.88 -2.83 4.96
C GLU A 23 8.91 -4.00 4.87
N THR A 24 9.45 -5.21 4.68
CA THR A 24 8.66 -6.39 5.01
C THR A 24 8.49 -6.50 6.51
N GLN A 25 7.57 -7.37 6.95
CA GLN A 25 7.22 -7.49 8.36
C GLN A 25 6.81 -6.12 8.92
N ALA A 26 6.08 -5.35 8.12
CA ALA A 26 5.63 -4.02 8.52
C ALA A 26 4.38 -3.63 7.74
N ILE A 27 3.54 -2.79 8.35
CA ILE A 27 2.47 -2.09 7.64
C ILE A 27 2.92 -0.65 7.44
N THR A 28 3.00 -0.22 6.18
CA THR A 28 3.26 1.18 5.86
C THR A 28 1.93 1.80 5.46
N GLU A 29 1.55 2.88 6.17
CA GLU A 29 0.31 3.61 5.94
C GLU A 29 0.64 4.94 5.31
N VAL A 30 0.14 5.17 4.09
N VAL A 30 0.13 5.18 4.10
CA VAL A 30 0.26 6.46 3.42
CA VAL A 30 0.26 6.46 3.43
C VAL A 30 -1.10 7.14 3.44
C VAL A 30 -1.10 7.14 3.46
N PHE A 31 -1.13 8.41 3.88
CA PHE A 31 -2.37 9.14 4.00
C PHE A 31 -2.19 10.56 3.45
N GLY A 32 -3.30 11.14 3.01
CA GLY A 32 -3.28 12.45 2.37
C GLY A 32 -4.60 12.67 1.67
N GLU A 33 -4.72 13.88 1.11
CA GLU A 33 -5.95 14.29 0.42
C GLU A 33 -6.17 13.51 -0.87
N PHE A 34 -7.42 13.52 -1.34
CA PHE A 34 -7.73 13.05 -2.68
C PHE A 34 -6.78 13.69 -3.69
N GLY A 35 -6.19 12.85 -4.54
CA GLY A 35 -5.32 13.33 -5.59
C GLY A 35 -3.88 13.56 -5.20
N SER A 36 -3.48 13.20 -3.98
CA SER A 36 -2.09 13.45 -3.57
C SER A 36 -1.12 12.45 -4.17
N GLY A 37 -1.58 11.36 -4.77
CA GLY A 37 -0.73 10.39 -5.40
C GLY A 37 -0.53 9.06 -4.67
N LYS A 38 -1.36 8.76 -3.67
CA LYS A 38 -1.19 7.51 -2.93
C LYS A 38 -1.31 6.29 -3.84
N THR A 39 -2.29 6.28 -4.76
CA THR A 39 -2.46 5.14 -5.65
C THR A 39 -1.33 5.05 -6.66
N GLN A 40 -0.72 6.17 -7.05
CA GLN A 40 0.45 6.09 -7.92
C GLN A 40 1.63 5.42 -7.21
N LEU A 41 1.78 5.69 -5.91
CA LEU A 41 2.85 5.01 -5.13
C LEU A 41 2.54 3.52 -5.06
N ALA A 42 1.27 3.15 -4.88
CA ALA A 42 0.88 1.74 -4.83
C ALA A 42 1.20 1.05 -6.15
N HIS A 43 0.84 1.67 -7.29
CA HIS A 43 1.11 1.07 -8.58
C HIS A 43 2.62 0.88 -8.80
N THR A 44 3.42 1.87 -8.37
CA THR A 44 4.86 1.78 -8.57
C THR A 44 5.45 0.65 -7.73
N LEU A 45 5.00 0.51 -6.47
CA LEU A 45 5.53 -0.56 -5.62
C LEU A 45 5.18 -1.94 -6.17
N ALA A 46 4.00 -2.09 -6.78
CA ALA A 46 3.61 -3.37 -7.35
C ALA A 46 4.54 -3.81 -8.49
N VAL A 47 5.21 -2.86 -9.14
CA VAL A 47 6.25 -3.20 -10.12
C VAL A 47 7.61 -3.36 -9.45
N MET A 48 7.98 -2.40 -8.58
CA MET A 48 9.33 -2.41 -8.01
C MET A 48 9.64 -3.72 -7.29
N VAL A 49 8.66 -4.28 -6.56
CA VAL A 49 8.93 -5.47 -5.76
C VAL A 49 9.33 -6.65 -6.62
N GLN A 50 9.01 -6.62 -7.92
CA GLN A 50 9.32 -7.73 -8.82
C GLN A 50 10.73 -7.66 -9.39
N LEU A 51 11.46 -6.55 -9.17
CA LEU A 51 12.86 -6.48 -9.53
C LEU A 51 13.71 -7.35 -8.62
N PRO A 52 14.93 -7.68 -9.02
CA PRO A 52 15.86 -8.36 -8.10
C PRO A 52 16.38 -7.40 -7.05
N PRO A 53 16.98 -7.91 -5.96
CA PRO A 53 17.42 -7.01 -4.88
C PRO A 53 18.45 -5.99 -5.34
N GLU A 54 19.28 -6.33 -6.34
CA GLU A 54 20.26 -5.39 -6.84
C GLU A 54 19.63 -4.13 -7.40
N GLU A 55 18.36 -4.18 -7.77
CA GLU A 55 17.63 -3.03 -8.29
C GLU A 55 16.54 -2.56 -7.34
N GLY A 56 16.57 -3.01 -6.08
CA GLY A 56 15.64 -2.55 -5.09
C GLY A 56 14.37 -3.38 -4.92
N GLY A 57 14.28 -4.55 -5.57
CA GLY A 57 13.13 -5.41 -5.41
C GLY A 57 13.41 -6.62 -4.54
N LEU A 58 12.42 -7.54 -4.52
CA LEU A 58 12.54 -8.78 -3.77
C LEU A 58 12.13 -10.00 -4.60
N ASN A 59 12.16 -9.88 -5.93
CA ASN A 59 11.67 -10.93 -6.82
C ASN A 59 10.30 -11.44 -6.38
N GLY A 60 9.42 -10.52 -5.95
CA GLY A 60 8.21 -10.89 -5.24
C GLY A 60 6.95 -10.89 -6.09
N SER A 61 5.95 -11.65 -5.62
CA SER A 61 4.58 -11.60 -6.11
C SER A 61 3.78 -10.57 -5.30
N VAL A 62 2.65 -10.13 -5.85
CA VAL A 62 1.84 -9.05 -5.27
C VAL A 62 0.41 -9.52 -5.09
N MET A 63 -0.23 -9.07 -4.01
CA MET A 63 -1.68 -9.20 -3.85
C MET A 63 -2.26 -7.82 -3.61
N TRP A 64 -3.33 -7.49 -4.34
CA TRP A 64 -3.90 -6.14 -4.36
C TRP A 64 -5.38 -6.22 -4.05
N ILE A 65 -5.81 -5.57 -2.96
CA ILE A 65 -7.23 -5.43 -2.62
C ILE A 65 -7.67 -4.00 -2.93
N ASP A 66 -8.60 -3.87 -3.88
CA ASP A 66 -9.12 -2.60 -4.40
C ASP A 66 -10.48 -2.35 -3.79
N THR A 67 -10.67 -1.21 -3.12
CA THR A 67 -12.00 -0.87 -2.62
C THR A 67 -12.73 0.17 -3.46
N GLU A 68 -12.03 0.86 -4.37
CA GLU A 68 -12.59 2.00 -5.10
C GLU A 68 -12.47 1.90 -6.62
N ASN A 69 -12.14 0.72 -7.16
CA ASN A 69 -12.02 0.56 -8.61
C ASN A 69 -10.95 1.46 -9.21
N THR A 70 -9.80 1.54 -8.55
CA THR A 70 -8.73 2.43 -8.99
C THR A 70 -7.47 1.72 -9.46
N PHE A 71 -7.44 0.38 -9.44
CA PHE A 71 -6.32 -0.34 -10.05
C PHE A 71 -6.40 -0.22 -11.57
N ARG A 72 -5.26 0.08 -12.21
CA ARG A 72 -5.22 0.28 -13.66
C ARG A 72 -4.15 -0.60 -14.29
N PRO A 73 -4.53 -1.72 -14.89
CA PRO A 73 -3.51 -2.58 -15.53
C PRO A 73 -2.69 -1.83 -16.56
N GLU A 74 -3.31 -0.87 -17.28
CA GLU A 74 -2.55 -0.12 -18.28
C GLU A 74 -1.44 0.69 -17.63
N ARG A 75 -1.67 1.19 -16.42
CA ARG A 75 -0.65 1.94 -15.69
C ARG A 75 0.48 1.03 -15.22
N ILE A 76 0.13 -0.18 -14.75
CA ILE A 76 1.15 -1.18 -14.44
C ILE A 76 2.03 -1.45 -15.65
N ARG A 77 1.40 -1.63 -16.82
CA ARG A 77 2.15 -1.90 -18.05
C ARG A 77 3.13 -0.77 -18.37
N GLU A 78 2.67 0.49 -18.26
CA GLU A 78 3.54 1.63 -18.52
C GLU A 78 4.73 1.66 -17.57
N ILE A 79 4.48 1.52 -16.27
CA ILE A 79 5.57 1.56 -15.28
C ILE A 79 6.56 0.42 -15.53
N ALA A 80 6.04 -0.78 -15.78
CA ALA A 80 6.91 -1.93 -16.01
C ALA A 80 7.78 -1.73 -17.24
N GLN A 81 7.18 -1.28 -18.35
CA GLN A 81 7.94 -1.08 -19.57
C GLN A 81 9.06 -0.08 -19.35
N ASN A 82 8.78 0.97 -18.57
CA ASN A 82 9.77 2.02 -18.30
C ASN A 82 10.67 1.70 -17.12
N ARG A 83 10.51 0.54 -16.50
CA ARG A 83 11.47 0.04 -15.53
C ARG A 83 12.23 -1.17 -16.07
N GLY A 84 12.16 -1.40 -17.38
CA GLY A 84 12.93 -2.45 -18.00
C GLY A 84 12.43 -3.85 -17.77
N LEU A 85 11.16 -4.02 -17.39
CA LEU A 85 10.58 -5.33 -17.19
C LEU A 85 9.56 -5.64 -18.29
N ASP A 86 9.19 -6.91 -18.38
CA ASP A 86 8.15 -7.34 -19.32
CA ASP A 86 8.15 -7.33 -19.31
C ASP A 86 6.79 -7.07 -18.70
N PRO A 87 5.96 -6.20 -19.29
CA PRO A 87 4.66 -5.89 -18.67
C PRO A 87 3.76 -7.10 -18.48
N ASP A 88 3.74 -8.05 -19.43
CA ASP A 88 2.89 -9.23 -19.25
C ASP A 88 3.31 -10.04 -18.02
N GLU A 89 4.62 -10.23 -17.84
CA GLU A 89 5.12 -10.95 -16.67
C GLU A 89 4.76 -10.24 -15.38
N VAL A 90 4.91 -8.92 -15.36
CA VAL A 90 4.60 -8.14 -14.15
C VAL A 90 3.13 -8.28 -13.77
N LEU A 91 2.23 -8.17 -14.76
CA LEU A 91 0.81 -8.34 -14.46
C LEU A 91 0.48 -9.76 -14.01
N LYS A 92 1.14 -10.77 -14.60
CA LYS A 92 0.91 -12.16 -14.20
C LYS A 92 1.19 -12.40 -12.73
N HIS A 93 2.03 -11.59 -12.09
CA HIS A 93 2.37 -11.80 -10.70
C HIS A 93 1.67 -10.82 -9.76
N ILE A 94 0.59 -10.19 -10.21
CA ILE A 94 -0.30 -9.40 -9.34
C ILE A 94 -1.63 -10.12 -9.28
N ALA A 95 -2.01 -10.56 -8.07
CA ALA A 95 -3.33 -11.13 -7.82
C ALA A 95 -4.25 -10.01 -7.34
N TYR A 96 -5.35 -9.79 -8.05
CA TYR A 96 -6.19 -8.63 -7.84
C TYR A 96 -7.61 -9.04 -7.45
N ALA A 97 -8.18 -8.29 -6.50
CA ALA A 97 -9.56 -8.50 -6.07
C ALA A 97 -10.18 -7.17 -5.64
N ARG A 98 -11.46 -6.98 -5.96
CA ARG A 98 -12.21 -5.81 -5.53
C ARG A 98 -13.07 -6.17 -4.33
N ALA A 99 -12.92 -5.43 -3.23
CA ALA A 99 -13.77 -5.67 -2.07
C ALA A 99 -15.13 -5.00 -2.26
N PHE A 100 -16.19 -5.80 -2.12
CA PHE A 100 -17.56 -5.32 -2.32
C PHE A 100 -18.04 -4.43 -1.18
N ASN A 101 -17.64 -4.75 0.05
CA ASN A 101 -17.96 -3.98 1.25
C ASN A 101 -16.90 -4.34 2.28
N SER A 102 -17.01 -3.76 3.48
CA SER A 102 -15.95 -3.96 4.47
C SER A 102 -15.91 -5.40 4.99
N ASN A 103 -17.05 -6.10 5.03
CA ASN A 103 -17.03 -7.48 5.49
C ASN A 103 -16.36 -8.41 4.47
N HIS A 104 -16.63 -8.17 3.18
CA HIS A 104 -15.94 -8.89 2.12
C HIS A 104 -14.44 -8.57 2.12
N GLN A 105 -14.10 -7.31 2.36
CA GLN A 105 -12.70 -6.92 2.47
C GLN A 105 -11.98 -7.73 3.53
N MET A 106 -12.65 -7.98 4.66
CA MET A 106 -12.03 -8.79 5.71
C MET A 106 -11.87 -10.25 5.27
N LEU A 107 -12.85 -10.80 4.54
CA LEU A 107 -12.73 -12.17 4.05
C LEU A 107 -11.58 -12.29 3.03
N LEU A 108 -11.39 -11.26 2.19
CA LEU A 108 -10.32 -11.30 1.21
C LEU A 108 -8.95 -11.41 1.84
N VAL A 109 -8.77 -10.82 3.02
CA VAL A 109 -7.48 -10.96 3.70
C VAL A 109 -7.27 -12.41 4.13
N GLN A 110 -8.33 -13.07 4.60
CA GLN A 110 -8.20 -14.48 4.94
C GLN A 110 -7.89 -15.32 3.70
N GLN A 111 -8.54 -15.03 2.57
CA GLN A 111 -8.23 -15.74 1.33
C GLN A 111 -6.80 -15.47 0.88
N ALA A 112 -6.31 -14.25 1.10
CA ALA A 112 -4.93 -13.92 0.75
C ALA A 112 -3.97 -14.88 1.42
N GLU A 113 -4.25 -15.27 2.66
CA GLU A 113 -3.32 -16.15 3.38
C GLU A 113 -3.18 -17.49 2.66
N ASP A 114 -4.25 -17.99 2.05
CA ASP A 114 -4.13 -19.27 1.33
C ASP A 114 -3.17 -19.15 0.16
N MET A 115 -3.26 -18.05 -0.59
N MET A 115 -3.26 -18.05 -0.59
CA MET A 115 -2.35 -17.89 -1.73
CA MET A 115 -2.35 -17.89 -1.72
C MET A 115 -0.92 -17.62 -1.26
C MET A 115 -0.93 -17.62 -1.26
N ILE A 116 -0.77 -16.87 -0.16
CA ILE A 116 0.55 -16.65 0.41
C ILE A 116 1.22 -17.99 0.74
N LYS A 117 0.47 -18.89 1.38
CA LYS A 117 1.02 -20.20 1.70
C LYS A 117 1.41 -20.99 0.45
N GLU A 118 0.58 -20.90 -0.59
CA GLU A 118 0.86 -21.65 -1.84
C GLU A 118 2.19 -21.22 -2.46
N LEU A 119 2.54 -19.93 -2.41
CA LEU A 119 3.75 -19.43 -3.09
C LEU A 119 4.95 -19.31 -2.12
N LEU A 120 4.76 -19.66 -0.86
CA LEU A 120 5.78 -19.38 0.15
C LEU A 120 7.12 -20.00 -0.20
N ASN A 121 7.13 -21.22 -0.74
CA ASN A 121 8.39 -21.90 -0.98
C ASN A 121 8.79 -21.89 -2.45
N THR A 122 8.25 -20.96 -3.23
CA THR A 122 8.56 -20.81 -4.65
C THR A 122 9.58 -19.70 -4.86
N ASP A 123 9.98 -19.50 -6.11
CA ASP A 123 10.91 -18.43 -6.43
C ASP A 123 10.24 -17.07 -6.55
N ARG A 124 8.91 -17.00 -6.45
CA ARG A 124 8.17 -15.73 -6.50
C ARG A 124 7.16 -15.68 -5.35
N PRO A 125 7.64 -15.74 -4.11
CA PRO A 125 6.75 -15.65 -2.95
C PRO A 125 6.04 -14.30 -2.93
N VAL A 126 4.87 -14.27 -2.28
CA VAL A 126 4.23 -12.97 -2.05
C VAL A 126 5.14 -12.13 -1.17
N LYS A 127 5.44 -10.90 -1.62
CA LYS A 127 6.21 -9.97 -0.82
C LYS A 127 5.50 -8.64 -0.59
N LEU A 128 4.35 -8.41 -1.23
CA LEU A 128 3.66 -7.13 -1.14
C LEU A 128 2.16 -7.37 -1.12
N LEU A 129 1.47 -6.84 -0.10
CA LEU A 129 0.01 -6.87 -0.02
C LEU A 129 -0.46 -5.44 0.08
N ILE A 130 -1.23 -4.98 -0.93
CA ILE A 130 -1.75 -3.61 -1.01
C ILE A 130 -3.22 -3.63 -0.63
N VAL A 131 -3.64 -2.69 0.21
CA VAL A 131 -5.06 -2.43 0.47
C VAL A 131 -5.29 -0.96 0.16
N ASP A 132 -5.99 -0.69 -0.96
CA ASP A 132 -6.21 0.64 -1.53
C ASP A 132 -7.69 0.66 -1.93
N SER A 133 -8.55 1.27 -1.12
CA SER A 133 -8.22 2.09 0.03
C SER A 133 -8.72 1.42 1.29
N LEU A 134 -7.98 1.50 2.38
CA LEU A 134 -8.29 0.62 3.49
C LEU A 134 -9.56 1.04 4.22
N THR A 135 -9.81 2.34 4.36
CA THR A 135 -10.85 2.85 5.25
C THR A 135 -12.16 3.19 4.56
N SER A 136 -12.21 3.20 3.22
CA SER A 136 -13.35 3.82 2.53
C SER A 136 -14.67 3.10 2.85
N HIS A 137 -14.70 1.76 2.80
CA HIS A 137 -15.94 1.04 3.11
C HIS A 137 -16.33 1.21 4.58
N PHE A 138 -15.34 1.16 5.48
CA PHE A 138 -15.64 1.34 6.90
C PHE A 138 -16.26 2.71 7.15
N ARG A 139 -15.77 3.73 6.45
CA ARG A 139 -16.29 5.08 6.63
C ARG A 139 -17.72 5.21 6.12
N SER A 140 -18.03 4.64 4.95
CA SER A 140 -19.36 4.82 4.37
C SER A 140 -20.42 3.96 5.04
N GLU A 141 -20.03 2.83 5.63
CA GLU A 141 -20.97 1.91 6.26
C GLU A 141 -21.28 2.27 7.71
N TYR A 142 -20.38 2.97 8.40
CA TYR A 142 -20.56 3.34 9.80
C TYR A 142 -20.57 4.86 9.91
N ILE A 143 -21.68 5.47 9.50
CA ILE A 143 -21.84 6.92 9.54
C ILE A 143 -22.50 7.31 10.86
N GLY A 144 -22.04 8.41 11.44
CA GLY A 144 -22.65 8.85 12.68
C GLY A 144 -21.81 8.51 13.90
N ARG A 145 -21.88 9.38 14.91
CA ARG A 145 -21.09 9.18 16.11
C ARG A 145 -21.49 7.90 16.85
N GLY A 146 -22.77 7.52 16.79
CA GLY A 146 -23.22 6.33 17.49
C GLY A 146 -22.64 5.05 16.95
N ALA A 147 -22.18 5.04 15.70
CA ALA A 147 -21.61 3.86 15.06
C ALA A 147 -20.08 3.82 15.12
N LEU A 148 -19.47 4.88 15.66
CA LEU A 148 -17.98 4.98 15.68
C LEU A 148 -17.34 3.83 16.49
N ALA A 149 -17.96 3.44 17.61
CA ALA A 149 -17.38 2.39 18.44
C ALA A 149 -17.31 1.06 17.69
N GLU A 150 -18.39 0.70 17.00
CA GLU A 150 -18.38 -0.53 16.20
C GLU A 150 -17.44 -0.41 15.00
N ARG A 151 -17.39 0.76 14.38
CA ARG A 151 -16.45 0.94 13.28
C ARG A 151 -15.01 0.72 13.75
N GLN A 152 -14.67 1.22 14.93
CA GLN A 152 -13.31 1.08 15.42
C GLN A 152 -13.01 -0.38 15.76
N GLN A 153 -14.00 -1.09 16.27
CA GLN A 153 -13.85 -2.51 16.56
C GLN A 153 -13.48 -3.29 15.31
N LYS A 154 -14.20 -3.05 14.22
CA LYS A 154 -13.97 -3.82 13.00
C LYS A 154 -12.65 -3.43 12.36
N LEU A 155 -12.32 -2.14 12.38
CA LEU A 155 -11.04 -1.67 11.79
C LEU A 155 -9.88 -2.31 12.56
N ALA A 156 -9.99 -2.38 13.90
CA ALA A 156 -8.86 -2.87 14.69
C ALA A 156 -8.59 -4.34 14.41
N LYS A 157 -9.66 -5.14 14.22
CA LYS A 157 -9.46 -6.54 13.86
C LYS A 157 -8.83 -6.69 12.49
N HIS A 158 -9.30 -5.89 11.52
CA HIS A 158 -8.74 -5.89 10.17
C HIS A 158 -7.25 -5.58 10.21
N LEU A 159 -6.86 -4.54 10.95
CA LEU A 159 -5.44 -4.21 11.02
C LEU A 159 -4.65 -5.31 11.72
N ALA A 160 -5.23 -5.94 12.75
CA ALA A 160 -4.50 -7.01 13.42
C ALA A 160 -4.28 -8.20 12.49
N ASP A 161 -5.28 -8.50 11.65
CA ASP A 161 -5.12 -9.55 10.63
C ASP A 161 -3.95 -9.21 9.70
N LEU A 162 -3.87 -7.96 9.26
CA LEU A 162 -2.82 -7.54 8.33
C LEU A 162 -1.45 -7.58 9.01
N HIS A 163 -1.37 -7.12 10.26
CA HIS A 163 -0.13 -7.23 11.03
CA HIS A 163 -0.11 -7.20 10.99
C HIS A 163 0.37 -8.66 11.07
N ARG A 164 -0.54 -9.59 11.38
CA ARG A 164 -0.19 -11.00 11.48
C ARG A 164 0.40 -11.52 10.19
N LEU A 165 -0.21 -11.18 9.04
CA LEU A 165 0.34 -11.68 7.77
C LEU A 165 1.72 -11.10 7.48
N ALA A 166 1.90 -9.80 7.75
CA ALA A 166 3.17 -9.16 7.49
C ALA A 166 4.30 -9.87 8.25
N ASN A 167 4.10 -10.12 9.55
CA ASN A 167 5.14 -10.73 10.37
C ASN A 167 5.28 -12.22 10.11
N LEU A 168 4.15 -12.93 10.01
CA LEU A 168 4.22 -14.40 9.88
C LEU A 168 4.85 -14.84 8.54
N TYR A 169 4.60 -14.10 7.46
CA TYR A 169 5.02 -14.53 6.13
C TYR A 169 6.04 -13.60 5.49
N ASP A 170 6.58 -12.62 6.22
CA ASP A 170 7.64 -11.76 5.73
C ASP A 170 7.19 -10.98 4.48
N ILE A 171 6.09 -10.24 4.65
CA ILE A 171 5.46 -9.46 3.58
C ILE A 171 5.44 -8.00 3.99
N ALA A 172 5.61 -7.11 3.01
CA ALA A 172 5.37 -5.68 3.18
C ALA A 172 3.88 -5.43 2.93
N VAL A 173 3.19 -4.90 3.92
CA VAL A 173 1.80 -4.49 3.76
C VAL A 173 1.76 -2.99 3.55
N PHE A 174 1.08 -2.55 2.50
CA PHE A 174 1.02 -1.14 2.12
C PHE A 174 -0.44 -0.73 2.00
N VAL A 175 -0.87 0.23 2.82
CA VAL A 175 -2.27 0.63 2.85
C VAL A 175 -2.38 2.15 2.62
N THR A 176 -3.42 2.56 1.90
CA THR A 176 -3.68 3.98 1.65
C THR A 176 -4.94 4.42 2.39
N ASN A 177 -5.00 5.70 2.72
CA ASN A 177 -6.05 6.24 3.59
C ASN A 177 -6.30 7.69 3.20
N GLN A 178 -7.50 8.00 2.69
CA GLN A 178 -7.82 9.37 2.29
C GLN A 178 -8.22 10.20 3.50
N VAL A 179 -7.50 11.29 3.74
CA VAL A 179 -7.75 12.16 4.89
C VAL A 179 -7.71 13.60 4.40
N GLN A 180 -8.81 14.32 4.58
CA GLN A 180 -8.88 15.71 4.20
C GLN A 180 -9.85 16.45 5.10
N ALA A 181 -10.03 17.74 4.82
N ALA A 181 -10.07 17.74 4.82
CA ALA A 181 -10.83 18.60 5.70
CA ALA A 181 -10.83 18.70 5.64
C ALA A 181 -12.27 18.11 5.79
C ALA A 181 -11.67 18.11 6.78
N ASN A 182 -12.83 17.64 4.67
N ASN A 182 -11.24 18.37 8.03
CA ASN A 182 -14.22 17.19 4.66
CA ASN A 182 -11.97 18.03 9.25
C ASN A 182 -14.37 15.69 4.92
C ASN A 182 -11.89 16.53 9.54
N GLY A 183 -13.34 15.04 5.44
N GLY A 183 -11.39 15.74 8.58
CA GLY A 183 -13.48 13.66 5.85
CA GLY A 183 -11.35 14.31 8.75
C GLY A 183 -12.18 12.88 5.85
C GLY A 183 -10.13 13.85 9.52
N GLY A 184 -12.12 11.87 6.71
N GLY A 184 -10.26 12.67 10.13
CA GLY A 184 -10.95 11.01 6.77
CA GLY A 184 -9.09 12.02 10.68
C GLY A 184 -10.35 10.97 8.14
C GLY A 184 -9.18 11.46 12.08
N HIS A 185 -9.88 9.80 8.56
N HIS A 185 -8.93 10.16 12.17
CA HIS A 185 -9.28 9.61 9.86
CA HIS A 185 -8.30 9.58 13.33
C HIS A 185 -8.02 8.76 9.72
C HIS A 185 -7.01 8.90 12.91
N ILE A 186 -6.91 9.25 10.27
N ILE A 186 -6.67 9.00 11.62
CA ILE A 186 -5.71 8.45 10.34
CA ILE A 186 -5.42 8.56 10.97
C ILE A 186 -5.94 7.25 11.26
C ILE A 186 -4.97 7.25 11.58
N LEU A 187 -5.29 6.15 10.93
CA LEU A 187 -5.30 4.79 11.53
C LEU A 187 -4.59 4.84 12.92
N ALA A 188 -4.89 5.83 13.79
CA ALA A 188 -4.18 6.06 15.05
C ALA A 188 -2.73 5.58 15.00
N HIS A 189 -2.34 4.77 15.99
CA HIS A 189 -0.99 4.25 16.16
C HIS A 189 -0.84 2.85 15.58
N SER A 190 -1.80 2.42 14.75
N SER A 190 -1.80 2.42 14.75
CA SER A 190 -1.89 1.02 14.36
CA SER A 190 -1.92 1.02 14.36
C SER A 190 -0.83 0.62 13.33
C SER A 190 -0.88 0.59 13.32
N ALA A 191 -0.53 1.49 12.38
N ALA A 191 -0.54 1.46 12.38
CA ALA A 191 0.46 1.14 11.36
CA ALA A 191 0.45 1.08 11.37
C ALA A 191 1.86 1.05 11.96
C ALA A 191 1.84 1.02 11.97
N THR A 192 2.74 0.31 11.28
CA THR A 192 4.15 0.31 11.66
C THR A 192 4.76 1.66 11.37
N LEU A 193 4.35 2.29 10.28
CA LEU A 193 4.98 3.52 9.85
C LEU A 193 3.97 4.35 9.10
N ARG A 194 3.85 5.62 9.46
CA ARG A 194 2.94 6.56 8.82
C ARG A 194 3.69 7.54 7.94
N VAL A 195 3.21 7.67 6.70
CA VAL A 195 3.75 8.58 5.70
C VAL A 195 2.65 9.55 5.28
N TYR A 196 2.89 10.84 5.48
CA TYR A 196 1.99 11.91 5.03
C TYR A 196 2.42 12.36 3.63
N LEU A 197 1.49 12.33 2.68
CA LEU A 197 1.76 12.70 1.30
C LEU A 197 0.91 13.90 0.93
N ARG A 198 1.51 14.87 0.22
CA ARG A 198 0.76 16.04 -0.21
C ARG A 198 1.33 16.57 -1.53
N LYS A 199 0.50 17.33 -2.25
CA LYS A 199 0.90 18.04 -3.45
C LYS A 199 1.67 19.31 -3.11
N GLY A 200 2.70 19.60 -3.90
CA GLY A 200 3.41 20.86 -3.81
C GLY A 200 3.37 21.60 -5.14
N LYS A 201 4.02 22.77 -5.13
CA LYS A 201 4.09 23.59 -6.33
C LYS A 201 4.67 22.84 -7.51
N GLY A 202 4.15 23.13 -8.70
CA GLY A 202 4.65 22.51 -9.92
C GLY A 202 4.45 21.02 -9.99
N GLY A 203 3.37 20.49 -9.42
CA GLY A 203 3.08 19.09 -9.52
C GLY A 203 3.96 18.16 -8.71
N LYS A 204 4.91 18.70 -7.94
CA LYS A 204 5.73 17.84 -7.11
C LYS A 204 4.90 17.25 -5.97
N ARG A 205 5.35 16.09 -5.48
CA ARG A 205 4.74 15.48 -4.30
C ARG A 205 5.78 15.45 -3.19
N ILE A 206 5.32 15.66 -1.96
CA ILE A 206 6.17 15.81 -0.78
C ILE A 206 5.73 14.76 0.26
N ALA A 207 6.69 14.03 0.82
CA ALA A 207 6.43 13.01 1.82
C ALA A 207 7.14 13.34 3.13
N ARG A 208 6.45 13.13 4.25
CA ARG A 208 7.01 13.32 5.58
C ARG A 208 6.64 12.15 6.48
N LEU A 209 7.57 11.73 7.34
CA LEU A 209 7.23 10.69 8.31
C LEU A 209 6.54 11.29 9.52
N ILE A 210 5.42 10.69 9.93
CA ILE A 210 4.60 11.21 11.03
C ILE A 210 4.84 10.32 12.24
N ASP A 211 5.32 10.92 13.32
CA ASP A 211 5.54 10.20 14.58
C ASP A 211 6.35 8.94 14.39
N GLY A 218 13.47 15.34 7.84
CA GLY A 218 13.45 15.89 6.50
C GLY A 218 12.19 15.55 5.74
N GLU A 219 12.12 15.99 4.48
CA GLU A 219 11.04 15.64 3.58
C GLU A 219 11.60 15.17 2.25
N ALA A 220 10.96 14.16 1.67
CA ALA A 220 11.30 13.68 0.34
C ALA A 220 10.40 14.35 -0.68
N VAL A 221 10.93 14.56 -1.88
CA VAL A 221 10.23 15.24 -2.95
C VAL A 221 10.41 14.44 -4.24
N PHE A 222 9.32 14.27 -4.99
CA PHE A 222 9.40 13.45 -6.19
C PHE A 222 8.25 13.83 -7.14
N SER A 223 8.30 13.22 -8.33
CA SER A 223 7.33 13.45 -9.39
C SER A 223 6.63 12.15 -9.78
N ILE A 224 5.45 12.29 -10.37
CA ILE A 224 4.74 11.17 -10.98
C ILE A 224 5.04 11.19 -12.47
N THR A 225 5.63 10.11 -12.98
CA THR A 225 6.12 10.06 -14.37
C THR A 225 5.76 8.71 -14.98
N GLU A 226 6.25 8.47 -16.21
CA GLU A 226 6.06 7.18 -16.86
C GLU A 226 6.75 6.04 -16.11
N LYS A 227 7.68 6.36 -15.21
CA LYS A 227 8.35 5.36 -14.39
C LYS A 227 7.60 5.09 -13.08
N GLY A 228 6.39 5.62 -12.93
CA GLY A 228 5.65 5.53 -11.69
C GLY A 228 5.87 6.78 -10.86
N ILE A 229 6.77 6.73 -9.89
CA ILE A 229 7.32 7.93 -9.29
C ILE A 229 8.83 7.89 -9.46
N GLU A 230 9.45 9.07 -9.42
CA GLU A 230 10.90 9.19 -9.48
C GLU A 230 11.28 10.61 -9.07
N ASP A 231 12.55 10.79 -8.73
CA ASP A 231 13.03 12.10 -8.27
C ASP A 231 12.95 13.16 -9.35
P PO4 B . -4.77 9.57 -4.41
O1 PO4 B . -4.14 10.22 -5.63
O2 PO4 B . -4.74 8.06 -4.59
O3 PO4 B . -3.95 9.94 -3.19
O4 PO4 B . -6.21 10.02 -4.34
C4 O1E C . -7.64 -13.46 -6.92
C5 O1E C . -7.45 -13.11 -5.47
C6 O1E C . -7.96 -13.91 -4.44
N1 O1E C . -10.42 -13.44 -6.28
C7 O1E C . -7.89 -13.53 -3.11
C8 O1E C . -7.30 -12.31 -2.79
N2 O1E C . -8.63 -12.57 -7.50
C9 O1E C . -6.51 -10.48 -1.81
C10 O1E C . -6.26 -10.31 -3.14
C11 O1E C . -6.76 -11.48 -3.80
C12 O1E C . -6.84 -11.90 -5.13
N3 O1E C . -7.13 -11.67 -1.60
N O1E C . -11.79 -13.23 -6.09
C O1E C . -13.92 -10.82 -5.51
C1 O1E C . -13.66 -11.73 -6.70
C2 O1E C . -12.25 -12.24 -6.78
C3 O1E C . -9.92 -12.59 -7.13
S O1E C . -11.06 -11.46 -7.79
H7 O1E C . -7.97 -14.49 -7.03
H6 O1E C . -6.71 -13.39 -7.46
H8 O1E C . -8.42 -14.86 -4.68
H9 O1E C . -8.30 -14.17 -2.33
H5 O1E C . -8.33 -11.90 -8.21
H11 O1E C . -6.27 -9.80 -0.98
H12 O1E C . -5.78 -9.47 -3.63
H13 O1E C . -6.41 -11.26 -5.89
H10 O1E C . -7.43 -12.05 -0.70
H2 O1E C . -14.97 -10.53 -5.43
H1 O1E C . -13.34 -9.90 -5.56
H O1E C . -13.67 -11.30 -4.57
H4 O1E C . -14.33 -12.60 -6.68
H3 O1E C . -13.89 -11.21 -7.63
#